data_4URX
#
_entry.id   4URX
#
_cell.length_a   149.874
_cell.length_b   149.874
_cell.length_c   199.701
_cell.angle_alpha   90.00
_cell.angle_beta   90.00
_cell.angle_gamma   90.00
#
_symmetry.space_group_name_H-M   'I 4 2 2'
#
loop_
_entity.id
_entity.type
_entity.pdbx_description
1 polymer 'GTPASE HRAS'
2 polymer 'SON OF SEVENLESS HOMOLOG 1'
3 non-polymer 6-bromo-1H-indole
4 non-polymer 1-(4-bromobenzyl)pyrrolidine
5 non-polymer 'FORMIC ACID'
6 water water
#
loop_
_entity_poly.entity_id
_entity_poly.type
_entity_poly.pdbx_seq_one_letter_code
_entity_poly.pdbx_strand_id
1 'polypeptide(L)'
;MHHHHHHGGGENLYFQGSHMTEYKLVVVGAGGVGKSALTIQLIQNHFVDEYDPTIEDSYRKQVVIDGETCLLDILDTAGQ
EEYSAMRDQYMRTGEGFLCVFAINNTKSFEDIHQYREQIKRVKDSDDVPMVLVGNKCDLAARTVESRQAQDLARSYGIPY
IETSAKTRQGVEDAFYTLVREIRQH
;
R
2 'polypeptide(L)'
;MEEQMRLPSADVYRFAEPDSEENIIFEENMQPKAGIPIIKAGTVIKLIERLTYHMYADPNFVRTFLTTYRSFCKPQELLS
LIIERFEIPEPEPTEADRIAIENGDQPLSAELKRFRKEYIQPVQLRVLNVCRHWVEHHFYDFERDAYLLQRMEEFIGTVR
GKAMKKWVESITKIIQRKKIARDNGPGHNITFQSSPPTVEWHISRPGHIETFDLLTLHPIEIARQLTLLESDLYRAVQPS
ELVGSVWTKEDKEINSPNLLKMIRHTTNLTLWFEKCIVETENLEERVAVVSRIIEILQVFQELNNFNGVLEVVSAMNSSP
VYRLDHTFEQIPSRQKKILEEAHELSEDHYKKYLAKLRSINPPCVPFFGIYLTNILKTEEGNPEVLKRHGKELINFSKRR
KVAEITGEIQQYQNQPYCLRVESDIKRFFENLNPMGNSMEKEFTDYLFNKSLEIEPRNPKPLPRFPKKYSYPLKSPGVRP
SNPRPGT
;
S
#
loop_
_chem_comp.id
_chem_comp.type
_chem_comp.name
_chem_comp.formula
FK1 non-polymer 6-bromo-1H-indole 'C8 H6 Br N'
FMT non-polymer 'FORMIC ACID' 'C H2 O2'
HXY non-polymer 1-(4-bromobenzyl)pyrrolidine 'C11 H14 Br N'
#
# COMPACT_ATOMS: atom_id res chain seq x y z
N HIS A 19 2.63 12.53 -33.28
CA HIS A 19 2.32 12.07 -31.93
C HIS A 19 0.80 11.95 -31.72
N MET A 20 0.30 10.72 -31.36
CA MET A 20 -1.13 10.53 -31.08
C MET A 20 -1.50 11.18 -29.73
N THR A 21 -2.77 11.57 -29.60
CA THR A 21 -3.23 12.20 -28.36
C THR A 21 -3.17 11.23 -27.17
N GLU A 22 -2.71 11.75 -26.02
CA GLU A 22 -2.65 11.02 -24.77
C GLU A 22 -3.63 11.70 -23.80
N TYR A 23 -4.59 10.92 -23.26
CA TYR A 23 -5.59 11.42 -22.29
C TYR A 23 -5.23 10.90 -20.91
N LYS A 24 -4.96 11.83 -19.99
CA LYS A 24 -4.61 11.53 -18.60
C LYS A 24 -5.89 11.51 -17.75
N LEU A 25 -6.36 10.30 -17.41
CA LEU A 25 -7.61 10.03 -16.70
C LEU A 25 -7.34 9.65 -15.28
N VAL A 26 -8.20 10.11 -14.37
CA VAL A 26 -8.04 9.83 -12.93
C VAL A 26 -9.30 9.19 -12.42
N VAL A 27 -9.19 8.02 -11.79
CA VAL A 27 -10.31 7.31 -11.18
C VAL A 27 -10.36 7.76 -9.74
N VAL A 28 -11.54 8.27 -9.27
CA VAL A 28 -11.73 8.70 -7.88
C VAL A 28 -12.98 8.05 -7.30
N GLY A 29 -12.94 7.82 -6.02
CA GLY A 29 -14.09 7.25 -5.34
C GLY A 29 -13.72 6.62 -4.03
N ALA A 30 -14.74 6.22 -3.29
CA ALA A 30 -14.54 5.55 -2.02
C ALA A 30 -13.80 4.20 -2.20
N GLY A 31 -13.03 3.89 -1.17
CA GLY A 31 -12.33 2.64 -1.08
C GLY A 31 -13.24 1.56 -0.50
N GLY A 32 -12.74 0.33 -0.55
CA GLY A 32 -13.43 -0.83 0.01
C GLY A 32 -14.63 -1.33 -0.74
N VAL A 33 -14.90 -0.81 -1.96
CA VAL A 33 -16.08 -1.21 -2.74
C VAL A 33 -15.71 -1.61 -4.18
N GLY A 34 -14.52 -2.18 -4.37
CA GLY A 34 -14.04 -2.66 -5.68
C GLY A 34 -13.98 -1.67 -6.84
N LYS A 35 -13.62 -0.41 -6.59
CA LYS A 35 -13.47 0.62 -7.64
C LYS A 35 -12.36 0.25 -8.64
N SER A 36 -11.31 -0.48 -8.20
CA SER A 36 -10.19 -0.92 -9.04
C SER A 36 -10.57 -1.84 -10.21
N ALA A 37 -11.71 -2.55 -10.12
CA ALA A 37 -12.16 -3.44 -11.18
C ALA A 37 -12.41 -2.73 -12.50
N LEU A 38 -12.83 -1.47 -12.44
CA LEU A 38 -13.10 -0.67 -13.64
C LEU A 38 -11.88 -0.61 -14.60
N THR A 39 -10.74 -0.18 -14.05
CA THR A 39 -9.52 0.01 -14.84
C THR A 39 -8.86 -1.32 -15.17
N ILE A 40 -8.86 -2.24 -14.24
CA ILE A 40 -8.26 -3.55 -14.49
C ILE A 40 -9.00 -4.19 -15.65
N GLN A 41 -10.36 -4.18 -15.62
CA GLN A 41 -11.14 -4.77 -16.71
C GLN A 41 -10.91 -4.06 -18.02
N LEU A 42 -10.72 -2.71 -18.03
CA LEU A 42 -10.42 -1.99 -19.26
C LEU A 42 -9.11 -2.46 -19.88
N ILE A 43 -8.02 -2.39 -19.11
CA ILE A 43 -6.68 -2.69 -19.61
C ILE A 43 -6.52 -4.16 -19.97
N GLN A 44 -6.86 -5.07 -19.07
CA GLN A 44 -6.67 -6.48 -19.37
C GLN A 44 -7.58 -6.92 -20.51
N ASN A 45 -7.02 -7.66 -21.50
CA ASN A 45 -7.78 -8.14 -22.67
C ASN A 45 -9.03 -8.86 -22.21
N HIS A 46 -10.14 -8.68 -22.96
CA HIS A 46 -11.47 -9.22 -22.63
C HIS A 46 -11.50 -10.75 -22.31
N PHE A 47 -10.44 -11.53 -22.64
CA PHE A 47 -10.36 -12.98 -22.37
C PHE A 47 -9.06 -13.34 -21.63
N VAL A 48 -8.51 -12.36 -20.90
CA VAL A 48 -7.29 -12.49 -20.09
C VAL A 48 -7.68 -12.06 -18.67
N ASP A 49 -7.21 -12.80 -17.65
CA ASP A 49 -7.45 -12.47 -16.24
C ASP A 49 -6.13 -12.40 -15.40
N GLU A 50 -4.94 -12.50 -16.04
CA GLU A 50 -3.64 -12.45 -15.35
C GLU A 50 -3.13 -10.98 -15.36
N TYR A 51 -3.26 -10.26 -14.22
CA TYR A 51 -2.87 -8.86 -14.07
C TYR A 51 -1.65 -8.64 -13.17
N ASP A 52 -0.71 -7.78 -13.63
CA ASP A 52 0.47 -7.40 -12.88
C ASP A 52 0.47 -5.87 -12.77
N PRO A 53 0.06 -5.27 -11.62
CA PRO A 53 0.07 -3.82 -11.51
C PRO A 53 1.46 -3.14 -11.47
N THR A 54 2.58 -3.92 -11.41
CA THR A 54 3.94 -3.38 -11.30
C THR A 54 4.69 -3.19 -12.66
N ILE A 55 3.98 -2.80 -13.78
CA ILE A 55 4.55 -2.53 -15.12
C ILE A 55 3.82 -1.34 -15.84
N GLU A 56 4.42 -0.75 -16.91
CA GLU A 56 3.82 0.40 -17.65
C GLU A 56 2.48 0.08 -18.35
N ASP A 57 2.46 -1.03 -19.10
CA ASP A 57 1.29 -1.48 -19.88
C ASP A 57 0.02 -1.72 -19.04
N SER A 58 0.17 -1.82 -17.68
CA SER A 58 -0.94 -2.05 -16.77
C SER A 58 -1.85 -0.83 -16.60
N TYR A 59 -1.33 0.40 -16.82
CA TYR A 59 -2.12 1.63 -16.71
C TYR A 59 -2.19 2.45 -18.02
N ARG A 60 -1.67 1.91 -19.14
CA ARG A 60 -1.69 2.57 -20.46
C ARG A 60 -2.29 1.64 -21.50
N LYS A 61 -3.15 2.18 -22.37
CA LYS A 61 -3.83 1.41 -23.41
C LYS A 61 -4.08 2.27 -24.62
N GLN A 62 -3.74 1.74 -25.80
CA GLN A 62 -3.99 2.40 -27.07
C GLN A 62 -5.38 2.00 -27.51
N VAL A 63 -6.21 2.98 -27.85
CA VAL A 63 -7.59 2.71 -28.24
C VAL A 63 -7.99 3.58 -29.43
N VAL A 64 -9.06 3.16 -30.14
CA VAL A 64 -9.67 3.90 -31.25
C VAL A 64 -11.05 4.25 -30.74
N ILE A 65 -11.36 5.53 -30.68
CA ILE A 65 -12.64 6.04 -30.19
C ILE A 65 -13.15 6.99 -31.26
N ASP A 66 -14.37 6.74 -31.80
CA ASP A 66 -14.97 7.58 -32.85
C ASP A 66 -13.99 7.78 -34.03
N GLY A 67 -13.26 6.70 -34.37
CA GLY A 67 -12.27 6.64 -35.43
C GLY A 67 -10.89 7.21 -35.12
N GLU A 68 -10.78 8.08 -34.10
CA GLU A 68 -9.53 8.72 -33.73
C GLU A 68 -8.77 7.87 -32.70
N THR A 69 -7.61 7.32 -33.12
CA THR A 69 -6.71 6.55 -32.27
C THR A 69 -6.11 7.49 -31.22
N CYS A 70 -5.95 6.97 -29.99
CA CYS A 70 -5.40 7.75 -28.87
C CYS A 70 -4.79 6.82 -27.81
N LEU A 71 -4.12 7.40 -26.84
CA LEU A 71 -3.58 6.66 -25.73
C LEU A 71 -4.25 7.12 -24.43
N LEU A 72 -4.73 6.16 -23.63
CA LEU A 72 -5.35 6.44 -22.33
C LEU A 72 -4.34 6.10 -21.27
N ASP A 73 -3.94 7.10 -20.47
CA ASP A 73 -3.08 6.93 -19.30
C ASP A 73 -4.06 7.05 -18.10
N ILE A 74 -4.20 5.96 -17.30
CA ILE A 74 -5.19 5.92 -16.24
C ILE A 74 -4.57 5.82 -14.88
N LEU A 75 -4.85 6.81 -14.02
CA LEU A 75 -4.39 6.85 -12.63
C LEU A 75 -5.52 6.37 -11.69
N ASP A 76 -5.26 5.25 -11.03
CA ASP A 76 -6.11 4.68 -10.04
C ASP A 76 -5.26 4.37 -8.83
N THR A 77 -5.47 5.14 -7.75
CA THR A 77 -4.74 5.00 -6.51
C THR A 77 -5.51 4.15 -5.47
N ALA A 78 -6.39 3.24 -5.93
CA ALA A 78 -7.11 2.30 -5.07
C ALA A 78 -6.15 1.68 -4.02
N GLY A 79 -6.50 1.82 -2.74
CA GLY A 79 -5.70 1.36 -1.62
C GLY A 79 -5.07 2.46 -0.82
N GLN A 80 -5.01 3.68 -1.39
CA GLN A 80 -4.42 4.88 -0.77
C GLN A 80 -5.43 5.93 -0.23
N GLU A 81 -6.66 5.52 0.01
CA GLU A 81 -7.74 6.39 0.53
C GLU A 81 -7.43 7.06 1.84
N GLU A 82 -6.71 6.39 2.75
CA GLU A 82 -6.31 7.00 4.01
C GLU A 82 -5.25 8.13 3.84
N TYR A 83 -4.52 8.17 2.72
CA TYR A 83 -3.60 9.28 2.43
C TYR A 83 -4.48 10.40 1.84
N SER A 84 -5.42 10.91 2.64
CA SER A 84 -6.40 11.93 2.21
C SER A 84 -5.78 13.24 1.82
N ALA A 85 -4.61 13.58 2.38
CA ALA A 85 -3.93 14.82 2.00
C ALA A 85 -3.17 14.72 0.64
N MET A 86 -3.14 13.52 -0.02
CA MET A 86 -2.51 13.31 -1.34
C MET A 86 -3.53 13.35 -2.48
N ARG A 87 -4.85 13.53 -2.21
CA ARG A 87 -5.86 13.58 -3.27
C ARG A 87 -5.65 14.70 -4.22
N ASP A 88 -5.40 15.91 -3.71
CA ASP A 88 -5.21 17.09 -4.59
C ASP A 88 -4.07 16.85 -5.58
N GLN A 89 -2.93 16.36 -5.05
CA GLN A 89 -1.75 16.03 -5.86
C GLN A 89 -2.13 15.07 -6.98
N TYR A 90 -2.83 13.96 -6.64
CA TYR A 90 -3.26 12.93 -7.59
C TYR A 90 -4.28 13.46 -8.59
N MET A 91 -5.22 14.27 -8.12
CA MET A 91 -6.24 14.83 -8.98
C MET A 91 -5.69 15.82 -9.95
N ARG A 92 -4.73 16.68 -9.53
CA ARG A 92 -4.18 17.65 -10.48
C ARG A 92 -3.50 17.00 -11.70
N THR A 93 -3.09 15.73 -11.65
CA THR A 93 -2.49 15.06 -12.80
C THR A 93 -3.48 14.84 -13.98
N GLY A 94 -4.79 14.80 -13.68
CA GLY A 94 -5.82 14.49 -14.67
C GLY A 94 -6.47 15.61 -15.46
N GLU A 95 -6.86 15.28 -16.70
CA GLU A 95 -7.67 16.06 -17.60
C GLU A 95 -9.15 15.65 -17.46
N GLY A 96 -9.38 14.38 -17.21
CA GLY A 96 -10.71 13.81 -17.09
C GLY A 96 -10.80 12.89 -15.91
N PHE A 97 -11.98 12.83 -15.28
CA PHE A 97 -12.22 12.06 -14.06
C PHE A 97 -13.37 11.09 -14.14
N LEU A 98 -13.20 9.89 -13.61
CA LEU A 98 -14.26 8.92 -13.46
C LEU A 98 -14.54 8.93 -11.96
N CYS A 99 -15.73 9.39 -11.57
CA CYS A 99 -16.15 9.43 -10.17
C CYS A 99 -16.95 8.18 -9.97
N VAL A 100 -16.39 7.20 -9.24
CA VAL A 100 -16.95 5.86 -9.06
C VAL A 100 -17.59 5.65 -7.71
N PHE A 101 -18.78 5.01 -7.68
CA PHE A 101 -19.45 4.59 -6.46
C PHE A 101 -19.93 3.15 -6.71
N ALA A 102 -20.29 2.42 -5.65
CA ALA A 102 -20.80 1.06 -5.78
C ALA A 102 -22.28 1.14 -5.63
N ILE A 103 -23.04 0.47 -6.53
CA ILE A 103 -24.51 0.52 -6.49
C ILE A 103 -25.10 -0.14 -5.21
N ASN A 104 -24.29 -0.90 -4.46
CA ASN A 104 -24.66 -1.53 -3.19
C ASN A 104 -24.13 -0.78 -1.94
N ASN A 105 -23.56 0.40 -2.11
CA ASN A 105 -23.02 1.16 -1.01
C ASN A 105 -23.47 2.59 -1.13
N THR A 106 -24.49 2.94 -0.37
CA THR A 106 -25.09 4.28 -0.41
C THR A 106 -24.12 5.34 0.08
N LYS A 107 -23.26 5.04 1.06
CA LYS A 107 -22.26 5.99 1.53
C LYS A 107 -21.31 6.36 0.38
N SER A 108 -20.82 5.38 -0.38
CA SER A 108 -19.98 5.67 -1.55
C SER A 108 -20.66 6.58 -2.58
N PHE A 109 -21.99 6.47 -2.74
CA PHE A 109 -22.78 7.34 -3.62
C PHE A 109 -22.90 8.76 -3.03
N GLU A 110 -23.17 8.85 -1.74
CA GLU A 110 -23.27 10.12 -1.03
C GLU A 110 -21.93 10.87 -0.96
N ASP A 111 -20.81 10.17 -0.99
CA ASP A 111 -19.47 10.77 -1.01
C ASP A 111 -19.12 11.48 -2.32
N ILE A 112 -19.76 11.12 -3.45
CA ILE A 112 -19.51 11.66 -4.79
C ILE A 112 -19.47 13.19 -4.84
N HIS A 113 -20.41 13.83 -4.18
CA HIS A 113 -20.52 15.29 -4.14
C HIS A 113 -19.23 15.92 -3.64
N GLN A 114 -18.60 15.34 -2.60
CA GLN A 114 -17.33 15.81 -2.04
C GLN A 114 -16.19 15.66 -3.06
N TYR A 115 -16.07 14.49 -3.73
CA TYR A 115 -15.05 14.24 -4.75
C TYR A 115 -15.12 15.21 -5.90
N ARG A 116 -16.31 15.43 -6.44
CA ARG A 116 -16.54 16.39 -7.53
C ARG A 116 -16.13 17.79 -7.11
N GLU A 117 -16.59 18.24 -5.94
CA GLU A 117 -16.23 19.58 -5.43
C GLU A 117 -14.72 19.74 -5.27
N GLN A 118 -14.04 18.69 -4.85
CA GLN A 118 -12.59 18.73 -4.70
C GLN A 118 -11.89 18.77 -6.05
N ILE A 119 -12.40 18.01 -7.05
CA ILE A 119 -11.85 18.06 -8.43
C ILE A 119 -11.96 19.51 -8.96
N LYS A 120 -13.14 20.10 -8.82
CA LYS A 120 -13.39 21.49 -9.24
C LYS A 120 -12.46 22.48 -8.56
N ARG A 121 -12.20 22.31 -7.27
CA ARG A 121 -11.26 23.17 -6.57
C ARG A 121 -9.81 22.96 -7.08
N VAL A 122 -9.38 21.71 -7.24
CA VAL A 122 -8.03 21.38 -7.74
C VAL A 122 -7.76 21.89 -9.16
N LYS A 123 -8.72 21.69 -10.06
CA LYS A 123 -8.59 22.11 -11.45
C LYS A 123 -8.94 23.57 -11.62
N ASP A 124 -9.50 24.20 -10.56
CA ASP A 124 -9.90 25.62 -10.54
C ASP A 124 -10.87 25.89 -11.69
N SER A 125 -11.86 25.02 -11.86
CA SER A 125 -12.82 25.12 -12.93
C SER A 125 -14.16 24.54 -12.50
N ASP A 126 -15.25 25.16 -13.00
CA ASP A 126 -16.61 24.68 -12.74
C ASP A 126 -17.00 23.67 -13.78
N ASP A 127 -16.27 23.65 -14.92
CA ASP A 127 -16.50 22.72 -16.01
C ASP A 127 -15.24 21.87 -16.22
N VAL A 128 -15.17 20.74 -15.53
CA VAL A 128 -14.09 19.76 -15.65
C VAL A 128 -14.67 18.50 -16.32
N PRO A 129 -14.08 17.98 -17.42
CA PRO A 129 -14.58 16.71 -18.01
C PRO A 129 -14.65 15.57 -16.98
N MET A 130 -15.87 15.07 -16.77
CA MET A 130 -16.16 14.11 -15.73
C MET A 130 -17.34 13.23 -16.07
N VAL A 131 -17.30 11.99 -15.58
CA VAL A 131 -18.39 11.03 -15.72
C VAL A 131 -18.68 10.42 -14.35
N LEU A 132 -19.95 10.04 -14.12
CA LEU A 132 -20.37 9.37 -12.90
C LEU A 132 -20.46 7.89 -13.25
N VAL A 133 -19.86 7.01 -12.44
CA VAL A 133 -19.87 5.57 -12.74
C VAL A 133 -20.43 4.84 -11.57
N GLY A 134 -21.52 4.07 -11.78
CA GLY A 134 -22.14 3.24 -10.77
C GLY A 134 -21.65 1.84 -11.02
N ASN A 135 -20.88 1.28 -10.10
CA ASN A 135 -20.25 -0.01 -10.30
C ASN A 135 -20.98 -1.12 -9.55
N LYS A 136 -21.33 -2.22 -10.23
CA LYS A 136 -21.95 -3.40 -9.61
C LYS A 136 -20.79 -4.35 -9.33
N CYS A 137 -20.22 -4.27 -8.10
CA CYS A 137 -18.97 -4.93 -7.67
C CYS A 137 -19.14 -6.34 -7.10
N ASP A 138 -20.38 -6.79 -6.86
CA ASP A 138 -20.60 -8.14 -6.33
C ASP A 138 -22.09 -8.50 -6.54
N LEU A 139 -22.54 -9.63 -5.95
CA LEU A 139 -23.94 -10.05 -6.02
C LEU A 139 -24.74 -9.64 -4.76
N ALA A 140 -24.24 -8.63 -3.99
CA ALA A 140 -24.97 -8.06 -2.85
C ALA A 140 -26.08 -7.17 -3.40
N ALA A 141 -27.06 -6.87 -2.58
CA ALA A 141 -28.22 -6.11 -2.98
C ALA A 141 -27.95 -4.66 -3.34
N ARG A 142 -28.60 -4.19 -4.40
CA ARG A 142 -28.51 -2.80 -4.84
C ARG A 142 -29.24 -1.94 -3.85
N THR A 143 -28.61 -0.81 -3.46
CA THR A 143 -29.18 0.20 -2.57
C THR A 143 -29.29 1.54 -3.25
N VAL A 144 -28.66 1.70 -4.41
CA VAL A 144 -28.70 2.95 -5.17
C VAL A 144 -29.39 2.59 -6.47
N GLU A 145 -30.60 3.15 -6.66
CA GLU A 145 -31.36 2.94 -7.91
C GLU A 145 -30.78 3.78 -9.03
N SER A 146 -30.81 3.25 -10.24
CA SER A 146 -30.29 3.96 -11.40
C SER A 146 -30.87 5.36 -11.54
N ARG A 147 -32.16 5.56 -11.17
CA ARG A 147 -32.79 6.86 -11.27
C ARG A 147 -32.17 7.89 -10.31
N GLN A 148 -31.78 7.47 -9.09
CA GLN A 148 -31.09 8.34 -8.14
C GLN A 148 -29.83 8.87 -8.72
N ALA A 149 -29.00 7.97 -9.28
CA ALA A 149 -27.72 8.33 -9.89
C ALA A 149 -27.88 9.15 -11.17
N GLN A 150 -28.91 8.84 -11.95
CA GLN A 150 -29.23 9.57 -13.19
C GLN A 150 -29.65 11.02 -12.84
N ASP A 151 -30.39 11.20 -11.75
CA ASP A 151 -30.80 12.54 -11.28
C ASP A 151 -29.60 13.34 -10.78
N LEU A 152 -28.67 12.67 -10.05
CA LEU A 152 -27.47 13.32 -9.55
C LEU A 152 -26.58 13.74 -10.71
N ALA A 153 -26.38 12.84 -11.66
CA ALA A 153 -25.54 13.16 -12.82
C ALA A 153 -26.14 14.32 -13.62
N ARG A 154 -27.47 14.37 -13.70
CA ARG A 154 -28.17 15.46 -14.40
C ARG A 154 -28.00 16.78 -13.68
N SER A 155 -28.07 16.80 -12.32
CA SER A 155 -27.84 18.04 -11.55
C SER A 155 -26.42 18.60 -11.74
N TYR A 156 -25.43 17.72 -12.03
CA TYR A 156 -24.03 18.13 -12.29
C TYR A 156 -23.78 18.43 -13.76
N GLY A 157 -24.70 18.01 -14.62
CA GLY A 157 -24.55 18.17 -16.04
C GLY A 157 -23.53 17.20 -16.61
N ILE A 158 -23.50 15.94 -16.14
CA ILE A 158 -22.51 14.96 -16.65
C ILE A 158 -23.15 13.62 -17.00
N PRO A 159 -22.47 12.79 -17.82
CA PRO A 159 -23.04 11.46 -18.10
C PRO A 159 -22.97 10.50 -16.90
N TYR A 160 -23.88 9.54 -16.89
CA TYR A 160 -23.89 8.47 -15.90
C TYR A 160 -23.74 7.17 -16.64
N ILE A 161 -22.83 6.29 -16.18
CA ILE A 161 -22.63 4.98 -16.80
C ILE A 161 -22.60 3.93 -15.70
N GLU A 162 -23.35 2.83 -15.84
CA GLU A 162 -23.28 1.71 -14.92
C GLU A 162 -22.41 0.64 -15.50
N THR A 163 -21.59 0.01 -14.66
CA THR A 163 -20.68 -1.05 -15.09
C THR A 163 -20.87 -2.25 -14.21
N SER A 164 -20.54 -3.43 -14.74
CA SER A 164 -20.57 -4.69 -13.99
C SER A 164 -19.15 -5.20 -13.87
N ALA A 165 -18.70 -5.47 -12.63
CA ALA A 165 -17.36 -6.02 -12.35
C ALA A 165 -17.20 -7.46 -12.88
N LYS A 166 -18.24 -8.27 -12.85
CA LYS A 166 -18.15 -9.65 -13.32
C LYS A 166 -18.07 -9.81 -14.88
N THR A 167 -18.89 -9.06 -15.62
CA THR A 167 -19.09 -9.24 -17.05
C THR A 167 -18.39 -8.29 -17.97
N ARG A 168 -17.84 -7.17 -17.45
CA ARG A 168 -17.17 -6.11 -18.22
C ARG A 168 -18.17 -5.20 -18.92
N GLN A 169 -19.48 -5.39 -18.69
CA GLN A 169 -20.52 -4.56 -19.29
C GLN A 169 -20.41 -3.13 -18.77
N GLY A 170 -20.41 -2.16 -19.70
CA GLY A 170 -20.32 -0.74 -19.42
C GLY A 170 -18.95 -0.13 -19.24
N VAL A 171 -17.91 -0.96 -19.08
CA VAL A 171 -16.56 -0.49 -18.78
C VAL A 171 -16.01 0.42 -19.85
N GLU A 172 -16.03 -0.05 -21.08
CA GLU A 172 -15.50 0.70 -22.21
C GLU A 172 -16.30 1.96 -22.45
N ASP A 173 -17.61 1.83 -22.35
CA ASP A 173 -18.55 2.93 -22.47
C ASP A 173 -18.23 4.04 -21.45
N ALA A 174 -17.83 3.68 -20.21
CA ALA A 174 -17.50 4.67 -19.17
C ALA A 174 -16.28 5.51 -19.55
N PHE A 175 -15.22 4.81 -19.91
CA PHE A 175 -13.97 5.44 -20.34
C PHE A 175 -14.09 6.19 -21.65
N TYR A 176 -14.74 5.61 -22.64
CA TYR A 176 -14.90 6.26 -23.95
C TYR A 176 -15.76 7.49 -23.82
N THR A 177 -16.79 7.45 -22.98
CA THR A 177 -17.63 8.62 -22.75
C THR A 177 -16.84 9.74 -22.16
N LEU A 178 -15.90 9.42 -21.27
CA LEU A 178 -15.03 10.41 -20.67
C LEU A 178 -14.12 11.06 -21.72
N VAL A 179 -13.50 10.26 -22.58
CA VAL A 179 -12.68 10.83 -23.67
C VAL A 179 -13.52 11.79 -24.54
N ARG A 180 -14.78 11.41 -24.85
CA ARG A 180 -15.66 12.27 -25.63
C ARG A 180 -15.93 13.56 -24.86
N GLU A 181 -16.13 13.47 -23.52
CA GLU A 181 -16.30 14.67 -22.66
C GLU A 181 -15.10 15.61 -22.71
N ILE A 182 -13.88 15.07 -22.81
CA ILE A 182 -12.66 15.85 -22.95
C ILE A 182 -12.60 16.48 -24.37
N ARG A 183 -12.80 15.66 -25.40
CA ARG A 183 -12.78 16.14 -26.80
C ARG A 183 -13.81 17.24 -27.06
N GLN A 184 -15.00 17.13 -26.47
CA GLN A 184 -16.08 18.09 -26.60
C GLN A 184 -16.07 19.18 -25.57
N HIS A 185 -14.99 19.27 -24.77
CA HIS A 185 -14.89 20.31 -23.76
C HIS A 185 -14.81 21.72 -24.41
N GLN B 4 11.64 -45.94 -9.24
CA GLN B 4 10.41 -45.31 -8.77
C GLN B 4 9.87 -46.04 -7.53
N MET B 5 9.48 -45.28 -6.49
CA MET B 5 8.98 -45.82 -5.22
C MET B 5 7.50 -46.23 -5.28
N ARG B 6 7.08 -47.02 -4.28
CA ARG B 6 5.70 -47.49 -4.10
C ARG B 6 5.11 -46.81 -2.86
N LEU B 7 4.24 -45.83 -3.10
CA LEU B 7 3.60 -45.04 -2.06
C LEU B 7 2.22 -45.64 -1.78
N PRO B 8 1.62 -45.43 -0.59
CA PRO B 8 0.30 -46.02 -0.31
C PRO B 8 -0.85 -45.52 -1.20
N SER B 9 -2.03 -46.14 -1.07
CA SER B 9 -3.20 -45.77 -1.88
C SER B 9 -3.80 -44.43 -1.43
N ALA B 10 -4.50 -43.74 -2.35
CA ALA B 10 -5.15 -42.46 -2.04
C ALA B 10 -6.32 -42.62 -1.05
N ASP B 11 -6.82 -43.87 -0.90
CA ASP B 11 -7.89 -44.23 0.04
C ASP B 11 -7.37 -44.17 1.49
N VAL B 12 -6.08 -44.53 1.71
CA VAL B 12 -5.41 -44.48 3.02
C VAL B 12 -4.48 -43.26 3.19
N TYR B 13 -4.03 -42.63 2.06
CA TYR B 13 -3.12 -41.48 2.12
C TYR B 13 -3.32 -40.55 0.90
N ARG B 14 -4.07 -39.43 1.12
CA ARG B 14 -4.46 -38.46 0.07
C ARG B 14 -3.27 -37.80 -0.69
N PHE B 15 -2.11 -37.67 -0.02
CA PHE B 15 -0.91 -37.06 -0.61
C PHE B 15 -0.13 -38.02 -1.53
N ALA B 16 -0.58 -39.29 -1.69
CA ALA B 16 0.06 -40.24 -2.60
C ALA B 16 -0.51 -40.13 -4.02
N GLU B 17 -1.70 -39.48 -4.18
CA GLU B 17 -2.35 -39.31 -5.49
C GLU B 17 -1.36 -38.69 -6.47
N PRO B 18 -1.18 -39.27 -7.66
CA PRO B 18 -0.18 -38.70 -8.58
C PRO B 18 -0.55 -37.35 -9.18
N ASP B 19 0.48 -36.62 -9.62
CA ASP B 19 0.32 -35.32 -10.24
C ASP B 19 -0.41 -35.47 -11.55
N SER B 20 -1.23 -34.47 -11.90
CA SER B 20 -1.95 -34.40 -13.18
C SER B 20 -2.31 -32.95 -13.50
N GLU B 21 -2.84 -32.72 -14.70
CA GLU B 21 -3.28 -31.39 -15.14
C GLU B 21 -4.50 -30.93 -14.30
N GLU B 22 -5.21 -31.89 -13.68
CA GLU B 22 -6.40 -31.65 -12.87
C GLU B 22 -6.09 -31.35 -11.40
N ASN B 23 -4.81 -31.41 -10.94
CA ASN B 23 -4.51 -31.13 -9.52
C ASN B 23 -3.25 -30.25 -9.28
N ILE B 24 -2.40 -30.03 -10.26
CA ILE B 24 -1.21 -29.22 -10.09
C ILE B 24 -0.70 -28.74 -11.45
N ILE B 25 -0.37 -27.43 -11.55
CA ILE B 25 0.20 -26.86 -12.76
C ILE B 25 1.34 -25.93 -12.39
N PHE B 26 2.27 -25.79 -13.32
CA PHE B 26 3.49 -25.06 -13.08
C PHE B 26 3.63 -23.96 -14.07
N GLU B 27 4.51 -23.02 -13.74
CA GLU B 27 4.93 -21.95 -14.62
C GLU B 27 6.03 -22.56 -15.52
N GLU B 28 6.29 -21.97 -16.67
CA GLU B 28 7.35 -22.45 -17.59
C GLU B 28 8.80 -22.33 -17.02
N ASN B 29 9.06 -21.36 -16.11
CA ASN B 29 10.39 -21.13 -15.52
C ASN B 29 10.59 -21.87 -14.17
N MET B 30 11.84 -21.84 -13.67
CA MET B 30 12.27 -22.49 -12.43
C MET B 30 12.76 -21.46 -11.46
N GLN B 31 12.77 -21.81 -10.15
CA GLN B 31 13.29 -20.93 -9.09
C GLN B 31 14.76 -20.63 -9.46
N PRO B 32 15.13 -19.33 -9.57
CA PRO B 32 16.44 -18.97 -10.15
C PRO B 32 17.67 -19.56 -9.47
N LYS B 33 17.73 -19.47 -8.13
CA LYS B 33 18.85 -19.95 -7.33
C LYS B 33 18.74 -21.45 -6.94
N ALA B 34 17.52 -22.05 -7.00
CA ALA B 34 17.26 -23.42 -6.52
C ALA B 34 17.00 -24.49 -7.57
N GLY B 35 16.61 -24.11 -8.79
CA GLY B 35 16.31 -25.07 -9.85
C GLY B 35 15.04 -25.89 -9.66
N ILE B 36 14.17 -25.42 -8.78
CA ILE B 36 12.89 -26.02 -8.40
C ILE B 36 11.85 -25.49 -9.36
N PRO B 37 10.83 -26.27 -9.76
CA PRO B 37 9.78 -25.67 -10.59
C PRO B 37 8.90 -24.69 -9.78
N ILE B 38 8.32 -23.72 -10.49
CA ILE B 38 7.46 -22.74 -9.89
C ILE B 38 6.01 -23.22 -10.04
N ILE B 39 5.36 -23.52 -8.91
CA ILE B 39 3.96 -23.93 -8.90
C ILE B 39 3.07 -22.73 -9.25
N LYS B 40 2.21 -22.88 -10.26
CA LYS B 40 1.27 -21.84 -10.69
C LYS B 40 -0.05 -22.00 -9.93
N ALA B 41 -0.53 -23.24 -9.83
CA ALA B 41 -1.79 -23.57 -9.16
C ALA B 41 -1.84 -25.05 -8.80
N GLY B 42 -2.72 -25.37 -7.87
CA GLY B 42 -2.92 -26.75 -7.48
C GLY B 42 -4.01 -26.84 -6.45
N THR B 43 -4.39 -28.05 -6.07
CA THR B 43 -5.41 -28.25 -5.03
C THR B 43 -4.72 -28.03 -3.70
N VAL B 44 -5.47 -27.83 -2.62
CA VAL B 44 -4.82 -27.64 -1.33
C VAL B 44 -3.98 -28.85 -0.95
N ILE B 45 -4.49 -30.08 -1.19
CA ILE B 45 -3.75 -31.34 -0.95
C ILE B 45 -2.38 -31.31 -1.63
N LYS B 46 -2.35 -30.93 -2.90
CA LYS B 46 -1.10 -30.84 -3.69
C LYS B 46 -0.20 -29.70 -3.22
N LEU B 47 -0.78 -28.57 -2.76
CA LEU B 47 0.00 -27.46 -2.23
C LEU B 47 0.63 -27.89 -0.90
N ILE B 48 -0.11 -28.65 -0.07
CA ILE B 48 0.40 -29.18 1.20
C ILE B 48 1.49 -30.24 0.92
N GLU B 49 1.29 -31.09 -0.10
CA GLU B 49 2.28 -32.09 -0.50
C GLU B 49 3.61 -31.41 -0.85
N ARG B 50 3.55 -30.37 -1.68
CA ARG B 50 4.75 -29.63 -2.10
C ARG B 50 5.34 -28.73 -1.03
N LEU B 51 4.56 -28.37 -0.03
CA LEU B 51 4.99 -27.59 1.12
C LEU B 51 5.92 -28.45 2.00
N THR B 52 5.72 -29.76 1.92
CA THR B 52 6.45 -30.75 2.69
C THR B 52 6.95 -31.87 1.74
N TYR B 53 7.51 -31.49 0.56
CA TYR B 53 7.95 -32.45 -0.49
C TYR B 53 9.14 -33.29 -0.02
N HIS B 54 9.16 -34.59 -0.38
CA HIS B 54 10.22 -35.49 0.05
C HIS B 54 11.55 -35.31 -0.70
N MET B 55 11.51 -34.92 -2.01
CA MET B 55 12.72 -34.79 -2.81
C MET B 55 13.62 -33.60 -2.42
N TYR B 56 13.04 -32.46 -2.01
CA TYR B 56 13.85 -31.29 -1.64
C TYR B 56 13.09 -30.33 -0.78
N ALA B 57 13.86 -29.45 -0.14
CA ALA B 57 13.35 -28.37 0.71
C ALA B 57 13.03 -27.21 -0.23
N ASP B 58 11.97 -26.45 0.06
CA ASP B 58 11.48 -25.34 -0.79
C ASP B 58 11.19 -24.10 0.09
N PRO B 59 12.23 -23.44 0.61
CA PRO B 59 12.03 -22.30 1.51
C PRO B 59 11.21 -21.14 0.96
N ASN B 60 11.32 -20.83 -0.32
CA ASN B 60 10.54 -19.74 -0.90
C ASN B 60 9.07 -20.05 -0.93
N PHE B 61 8.74 -21.29 -1.26
CA PHE B 61 7.36 -21.74 -1.30
C PHE B 61 6.76 -21.79 0.12
N VAL B 62 7.55 -22.23 1.09
CA VAL B 62 7.12 -22.31 2.50
C VAL B 62 6.79 -20.89 3.01
N ARG B 63 7.71 -19.95 2.78
CA ARG B 63 7.58 -18.55 3.17
C ARG B 63 6.36 -17.90 2.50
N THR B 64 6.20 -18.11 1.18
CA THR B 64 5.08 -17.59 0.42
C THR B 64 3.80 -18.17 0.95
N PHE B 65 3.76 -19.51 1.06
CA PHE B 65 2.60 -20.23 1.56
C PHE B 65 2.18 -19.72 2.92
N LEU B 66 3.08 -19.70 3.89
CA LEU B 66 2.72 -19.30 5.26
C LEU B 66 2.29 -17.83 5.40
N THR B 67 2.74 -16.99 4.47
CA THR B 67 2.37 -15.57 4.43
C THR B 67 0.98 -15.38 3.84
N THR B 68 0.58 -16.23 2.86
CA THR B 68 -0.67 -16.04 2.09
C THR B 68 -1.73 -17.11 2.11
N TYR B 69 -1.55 -18.18 2.86
CA TYR B 69 -2.53 -19.29 2.80
C TYR B 69 -3.95 -19.00 3.29
N ARG B 70 -4.12 -17.97 4.13
CA ARG B 70 -5.40 -17.70 4.82
C ARG B 70 -6.52 -17.27 3.87
N SER B 71 -6.18 -16.87 2.65
CA SER B 71 -7.17 -16.55 1.60
C SER B 71 -7.83 -17.81 1.03
N PHE B 72 -7.22 -19.00 1.18
CA PHE B 72 -7.76 -20.28 0.64
C PHE B 72 -7.84 -21.45 1.64
N CYS B 73 -7.38 -21.27 2.88
CA CYS B 73 -7.37 -22.36 3.87
C CYS B 73 -7.29 -21.70 5.24
N LYS B 74 -8.03 -22.19 6.21
CA LYS B 74 -8.02 -21.65 7.57
C LYS B 74 -6.87 -22.22 8.37
N PRO B 75 -6.32 -21.45 9.35
CA PRO B 75 -5.23 -22.00 10.20
C PRO B 75 -5.51 -23.38 10.80
N GLN B 76 -6.72 -23.56 11.29
CA GLN B 76 -7.20 -24.81 11.88
C GLN B 76 -7.15 -25.94 10.84
N GLU B 77 -7.58 -25.67 9.58
CA GLU B 77 -7.55 -26.63 8.48
C GLU B 77 -6.11 -26.95 8.03
N LEU B 78 -5.18 -25.98 8.03
CA LEU B 78 -3.78 -26.20 7.63
C LEU B 78 -3.09 -27.15 8.66
N LEU B 79 -3.29 -26.88 9.96
CA LEU B 79 -2.71 -27.72 11.01
C LEU B 79 -3.15 -29.17 10.87
N SER B 80 -4.43 -29.39 10.52
CA SER B 80 -5.00 -30.73 10.34
C SER B 80 -4.37 -31.42 9.16
N LEU B 81 -4.26 -30.68 8.05
CA LEU B 81 -3.65 -31.12 6.79
C LEU B 81 -2.18 -31.54 7.00
N ILE B 82 -1.42 -30.78 7.80
CA ILE B 82 0.00 -31.09 8.06
C ILE B 82 0.15 -32.24 9.07
N ILE B 83 -0.81 -32.40 10.00
CA ILE B 83 -0.83 -33.52 10.95
C ILE B 83 -1.19 -34.80 10.14
N GLU B 84 -2.07 -34.66 9.13
CA GLU B 84 -2.45 -35.76 8.27
C GLU B 84 -1.27 -36.18 7.42
N ARG B 85 -0.53 -35.19 6.86
CA ARG B 85 0.64 -35.39 6.03
C ARG B 85 1.72 -36.15 6.82
N PHE B 86 1.92 -35.79 8.09
CA PHE B 86 2.92 -36.42 8.94
C PHE B 86 2.64 -37.91 9.24
N GLU B 87 1.35 -38.27 9.32
CA GLU B 87 0.92 -39.62 9.66
C GLU B 87 0.86 -40.46 8.42
N ILE B 88 2.05 -40.88 7.97
CA ILE B 88 2.22 -41.67 6.76
C ILE B 88 2.00 -43.14 7.11
N PRO B 89 1.03 -43.82 6.46
CA PRO B 89 0.89 -45.26 6.70
C PRO B 89 1.92 -46.03 5.87
N GLU B 90 2.33 -47.20 6.36
CA GLU B 90 3.26 -48.06 5.61
C GLU B 90 2.44 -48.71 4.45
N PRO B 91 2.96 -48.85 3.20
CA PRO B 91 2.13 -49.47 2.13
C PRO B 91 1.77 -50.95 2.39
N GLU B 92 0.65 -51.43 1.78
CA GLU B 92 0.14 -52.80 1.99
C GLU B 92 1.10 -53.89 1.49
C LEU B 108 13.07 -55.69 6.16
N SER B 109 12.17 -55.41 5.19
CA SER B 109 12.45 -55.62 3.77
C SER B 109 13.23 -54.44 3.14
N ALA B 110 13.62 -54.59 1.85
CA ALA B 110 14.37 -53.55 1.13
C ALA B 110 13.48 -52.36 0.76
N GLU B 111 12.28 -52.64 0.21
CA GLU B 111 11.31 -51.62 -0.17
C GLU B 111 10.85 -50.76 1.02
N LEU B 112 10.58 -51.39 2.18
CA LEU B 112 10.14 -50.69 3.39
C LEU B 112 11.24 -49.83 4.03
N LYS B 113 12.50 -50.32 4.07
CA LYS B 113 13.62 -49.57 4.67
C LYS B 113 13.96 -48.30 3.85
N ARG B 114 13.78 -48.37 2.52
CA ARG B 114 14.00 -47.25 1.60
C ARG B 114 12.87 -46.20 1.78
N PHE B 115 11.60 -46.66 1.94
CA PHE B 115 10.43 -45.82 2.16
C PHE B 115 10.59 -44.98 3.44
N ARG B 116 11.13 -45.58 4.50
CA ARG B 116 11.37 -44.88 5.77
C ARG B 116 12.44 -43.80 5.66
N LYS B 117 13.50 -44.04 4.85
CA LYS B 117 14.62 -43.10 4.70
C LYS B 117 14.43 -42.06 3.59
N GLU B 118 13.73 -42.43 2.50
CA GLU B 118 13.52 -41.56 1.33
C GLU B 118 12.17 -40.85 1.28
N TYR B 119 11.14 -41.32 2.02
CA TYR B 119 9.82 -40.67 2.03
C TYR B 119 9.38 -40.23 3.43
N ILE B 120 9.30 -41.16 4.38
CA ILE B 120 8.81 -40.83 5.72
C ILE B 120 9.70 -39.85 6.47
N GLN B 121 11.02 -40.11 6.61
CA GLN B 121 11.88 -39.20 7.41
C GLN B 121 11.92 -37.80 6.78
N PRO B 122 12.19 -37.66 5.46
CA PRO B 122 12.17 -36.34 4.83
C PRO B 122 10.84 -35.59 4.98
N VAL B 123 9.69 -36.22 4.65
CA VAL B 123 8.36 -35.59 4.79
C VAL B 123 8.12 -35.16 6.22
N GLN B 124 8.32 -36.05 7.17
CA GLN B 124 8.11 -35.75 8.59
C GLN B 124 8.98 -34.56 9.07
N LEU B 125 10.20 -34.47 8.55
CA LEU B 125 11.10 -33.36 8.91
C LEU B 125 10.63 -32.08 8.25
N ARG B 126 10.02 -32.18 7.06
CA ARG B 126 9.50 -31.02 6.34
C ARG B 126 8.28 -30.43 7.05
N VAL B 127 7.38 -31.27 7.63
CA VAL B 127 6.22 -30.73 8.35
C VAL B 127 6.68 -30.03 9.61
N LEU B 128 7.70 -30.57 10.28
CA LEU B 128 8.26 -29.96 11.50
C LEU B 128 8.92 -28.62 11.18
N ASN B 129 9.52 -28.52 10.01
CA ASN B 129 10.13 -27.28 9.56
C ASN B 129 9.05 -26.22 9.30
N VAL B 130 7.92 -26.64 8.71
CA VAL B 130 6.77 -25.79 8.45
C VAL B 130 6.22 -25.30 9.78
N CYS B 131 6.07 -26.22 10.75
CA CYS B 131 5.63 -25.91 12.12
C CYS B 131 6.56 -24.86 12.73
N ARG B 132 7.88 -25.05 12.57
CA ARG B 132 8.89 -24.11 13.08
C ARG B 132 8.74 -22.73 12.46
N HIS B 133 8.62 -22.66 11.13
CA HIS B 133 8.44 -21.37 10.42
C HIS B 133 7.14 -20.66 10.77
N TRP B 134 6.07 -21.43 10.95
CA TRP B 134 4.72 -20.93 11.30
C TRP B 134 4.75 -20.21 12.65
N VAL B 135 5.23 -20.90 13.67
CA VAL B 135 5.34 -20.40 15.04
C VAL B 135 6.37 -19.23 15.14
N GLU B 136 7.44 -19.29 14.36
CA GLU B 136 8.50 -18.28 14.39
C GLU B 136 8.11 -17.00 13.68
N HIS B 137 7.57 -17.09 12.47
CA HIS B 137 7.29 -15.93 11.65
C HIS B 137 5.82 -15.53 11.56
N HIS B 138 4.86 -16.41 11.94
CA HIS B 138 3.43 -16.09 11.85
C HIS B 138 2.69 -16.51 13.13
N PHE B 139 3.26 -16.17 14.30
CA PHE B 139 2.69 -16.52 15.60
C PHE B 139 1.30 -15.91 15.83
N TYR B 140 0.95 -14.83 15.09
CA TYR B 140 -0.34 -14.19 15.21
C TYR B 140 -1.51 -15.16 15.07
N ASP B 141 -1.38 -16.22 14.26
CA ASP B 141 -2.45 -17.22 14.12
C ASP B 141 -2.75 -17.92 15.44
N PHE B 142 -1.70 -18.13 16.27
CA PHE B 142 -1.77 -18.80 17.57
C PHE B 142 -2.23 -17.83 18.66
N GLU B 143 -1.81 -16.54 18.58
CA GLU B 143 -2.23 -15.46 19.49
C GLU B 143 -3.74 -15.24 19.39
N ARG B 144 -4.25 -15.34 18.16
CA ARG B 144 -5.64 -15.11 17.83
C ARG B 144 -6.55 -16.32 17.98
N ASP B 145 -5.99 -17.51 18.18
CA ASP B 145 -6.74 -18.75 18.36
C ASP B 145 -5.94 -19.64 19.27
N ALA B 146 -6.22 -19.58 20.58
CA ALA B 146 -5.56 -20.39 21.60
C ALA B 146 -5.79 -21.92 21.40
N TYR B 147 -6.86 -22.33 20.72
CA TYR B 147 -7.09 -23.76 20.47
C TYR B 147 -6.13 -24.23 19.37
N LEU B 148 -5.77 -23.34 18.41
CA LEU B 148 -4.81 -23.68 17.37
C LEU B 148 -3.47 -23.99 18.03
N LEU B 149 -3.09 -23.23 19.05
CA LEU B 149 -1.86 -23.48 19.78
C LEU B 149 -1.95 -24.75 20.61
N GLN B 150 -3.10 -25.01 21.27
CA GLN B 150 -3.30 -26.23 22.07
C GLN B 150 -3.04 -27.45 21.17
N ARG B 151 -3.73 -27.52 20.04
CA ARG B 151 -3.56 -28.57 19.04
C ARG B 151 -2.09 -28.72 18.53
N MET B 152 -1.38 -27.59 18.31
CA MET B 152 0.01 -27.60 17.83
C MET B 152 0.91 -28.23 18.88
N GLU B 153 0.75 -27.88 20.16
CA GLU B 153 1.53 -28.46 21.27
C GLU B 153 1.16 -29.95 21.48
N GLU B 154 -0.12 -30.32 21.32
CA GLU B 154 -0.57 -31.72 21.42
C GLU B 154 0.19 -32.51 20.36
N PHE B 155 0.14 -32.03 19.10
CA PHE B 155 0.84 -32.67 17.99
C PHE B 155 2.33 -32.77 18.26
N ILE B 156 2.98 -31.65 18.57
CA ILE B 156 4.42 -31.61 18.84
C ILE B 156 4.80 -32.55 19.99
N GLY B 157 3.91 -32.72 20.97
CA GLY B 157 4.12 -33.64 22.08
C GLY B 157 4.10 -35.11 21.70
N THR B 158 3.30 -35.48 20.66
CA THR B 158 3.22 -36.86 20.17
C THR B 158 4.39 -37.29 19.29
N VAL B 159 5.21 -36.34 18.79
CA VAL B 159 6.28 -36.65 17.85
C VAL B 159 7.44 -37.37 18.55
N ARG B 160 7.69 -38.62 18.12
CA ARG B 160 8.75 -39.47 18.67
C ARG B 160 9.78 -39.83 17.58
N GLY B 161 11.05 -39.87 17.99
CA GLY B 161 12.18 -40.19 17.10
C GLY B 161 13.42 -39.41 17.47
N LYS B 162 14.60 -40.06 17.44
CA LYS B 162 15.87 -39.39 17.77
C LYS B 162 16.20 -38.31 16.72
N ALA B 163 15.85 -38.57 15.44
CA ALA B 163 16.04 -37.62 14.34
C ALA B 163 15.24 -36.31 14.53
N MET B 164 14.03 -36.42 15.11
CA MET B 164 13.12 -35.31 15.30
C MET B 164 13.20 -34.63 16.65
N LYS B 165 13.78 -35.28 17.68
CA LYS B 165 13.91 -34.69 19.02
C LYS B 165 14.52 -33.27 18.96
N LYS B 166 15.53 -33.10 18.13
CA LYS B 166 16.23 -31.82 17.91
C LYS B 166 15.24 -30.73 17.43
N TRP B 167 14.43 -31.06 16.41
CA TRP B 167 13.49 -30.11 15.80
C TRP B 167 12.26 -29.86 16.70
N VAL B 168 11.74 -30.93 17.36
CA VAL B 168 10.63 -30.83 18.35
C VAL B 168 11.04 -29.89 19.50
N GLU B 169 12.27 -30.06 20.04
CA GLU B 169 12.78 -29.22 21.13
C GLU B 169 12.88 -27.75 20.74
N SER B 170 13.39 -27.47 19.54
CA SER B 170 13.53 -26.10 19.03
C SER B 170 12.17 -25.38 18.88
N ILE B 171 11.13 -26.11 18.42
CA ILE B 171 9.78 -25.57 18.23
C ILE B 171 9.21 -25.18 19.59
N THR B 172 9.30 -26.11 20.55
CA THR B 172 8.87 -25.88 21.93
C THR B 172 9.55 -24.64 22.54
N LYS B 173 10.83 -24.41 22.21
CA LYS B 173 11.55 -23.23 22.72
C LYS B 173 11.00 -21.97 22.10
N ILE B 174 10.66 -22.01 20.79
CA ILE B 174 10.09 -20.84 20.11
C ILE B 174 8.71 -20.52 20.74
N ILE B 175 7.85 -21.54 20.91
CA ILE B 175 6.51 -21.34 21.45
C ILE B 175 6.58 -20.62 22.79
N GLN B 176 7.42 -21.11 23.71
CA GLN B 176 7.63 -20.47 25.02
C GLN B 176 8.18 -19.04 24.92
N ARG B 177 9.12 -18.81 24.00
CA ARG B 177 9.67 -17.45 23.81
C ARG B 177 8.57 -16.51 23.29
N LYS B 178 7.75 -17.01 22.35
CA LYS B 178 6.68 -16.24 21.76
C LYS B 178 5.55 -16.00 22.77
N LYS B 179 5.26 -17.01 23.62
CA LYS B 179 4.25 -16.90 24.68
C LYS B 179 4.66 -15.89 25.77
N ILE B 180 5.98 -15.66 25.98
CA ILE B 180 6.46 -14.70 26.99
C ILE B 180 6.19 -13.25 26.55
N ALA B 181 6.75 -12.83 25.38
CA ALA B 181 6.56 -11.47 24.82
C ALA B 181 6.93 -10.34 25.79
N SER B 194 28.85 2.87 15.86
CA SER B 194 29.60 4.02 16.38
C SER B 194 28.69 5.21 16.82
N SER B 195 29.29 6.41 17.06
CA SER B 195 28.55 7.59 17.51
C SER B 195 27.65 8.25 16.44
N PRO B 196 26.36 8.55 16.78
CA PRO B 196 25.52 9.30 15.84
C PRO B 196 25.83 10.80 15.96
N PRO B 197 25.39 11.62 15.01
CA PRO B 197 25.70 13.07 15.11
C PRO B 197 25.10 13.79 16.32
N THR B 198 25.63 14.99 16.58
CA THR B 198 25.18 15.81 17.70
C THR B 198 23.83 16.42 17.36
N VAL B 199 22.90 16.36 18.32
CA VAL B 199 21.57 16.94 18.19
C VAL B 199 21.72 18.45 17.96
N GLU B 200 21.03 18.96 16.92
CA GLU B 200 21.07 20.35 16.54
C GLU B 200 19.95 21.14 17.21
N TRP B 201 20.28 22.39 17.65
CA TRP B 201 19.35 23.31 18.28
C TRP B 201 19.47 24.66 17.60
N HIS B 202 18.34 25.34 17.38
CA HIS B 202 18.30 26.66 16.77
C HIS B 202 17.85 27.71 17.82
N ILE B 203 16.61 28.23 17.77
CA ILE B 203 16.13 29.27 18.69
C ILE B 203 15.66 28.64 19.96
N SER B 204 14.90 27.54 19.86
CA SER B 204 14.43 26.83 21.04
C SER B 204 15.63 26.13 21.66
N ARG B 205 15.72 26.16 22.97
CA ARG B 205 16.84 25.55 23.68
C ARG B 205 16.37 24.21 24.27
N PRO B 206 17.29 23.28 24.62
CA PRO B 206 16.84 22.00 25.19
C PRO B 206 15.94 22.17 26.42
N GLY B 207 14.82 21.45 26.41
CA GLY B 207 13.84 21.49 27.48
C GLY B 207 12.72 22.51 27.31
N HIS B 208 12.90 23.54 26.45
CA HIS B 208 11.93 24.61 26.24
C HIS B 208 10.89 24.20 25.19
N ILE B 209 10.12 23.18 25.54
CA ILE B 209 9.08 22.56 24.72
C ILE B 209 7.91 23.49 24.36
N GLU B 210 7.74 24.55 25.14
CA GLU B 210 6.66 25.52 25.05
C GLU B 210 6.88 26.41 23.85
N THR B 211 8.15 26.64 23.49
CA THR B 211 8.56 27.44 22.33
C THR B 211 8.78 26.61 21.04
N PHE B 212 8.80 25.25 21.10
CA PHE B 212 9.04 24.42 19.92
C PHE B 212 8.04 24.71 18.83
N ASP B 213 8.54 24.96 17.61
CA ASP B 213 7.72 25.20 16.43
C ASP B 213 8.56 24.97 15.16
N LEU B 214 7.92 25.11 14.00
CA LEU B 214 8.58 24.93 12.71
C LEU B 214 9.83 25.78 12.55
N LEU B 215 9.77 27.07 12.88
CA LEU B 215 10.88 27.97 12.68
C LEU B 215 11.84 28.06 13.87
N THR B 216 11.48 27.53 15.06
CA THR B 216 12.34 27.61 16.25
C THR B 216 13.19 26.38 16.46
N LEU B 217 12.68 25.20 16.07
CA LEU B 217 13.48 23.98 16.13
C LEU B 217 14.46 24.03 14.92
N HIS B 218 15.62 23.34 15.02
CA HIS B 218 16.59 23.36 13.92
C HIS B 218 16.03 22.51 12.79
N PRO B 219 16.04 22.99 11.53
CA PRO B 219 15.47 22.18 10.43
C PRO B 219 16.11 20.80 10.28
N ILE B 220 17.42 20.67 10.56
CA ILE B 220 18.08 19.38 10.53
C ILE B 220 17.43 18.48 11.56
N GLU B 221 17.22 18.96 12.80
CA GLU B 221 16.67 18.09 13.84
C GLU B 221 15.20 17.72 13.67
N ILE B 222 14.41 18.57 12.99
CA ILE B 222 13.00 18.29 12.67
C ILE B 222 12.99 17.07 11.75
N ALA B 223 13.77 17.15 10.69
CA ALA B 223 13.93 16.10 9.69
C ALA B 223 14.44 14.79 10.27
N ARG B 224 15.40 14.84 11.21
CA ARG B 224 15.95 13.65 11.85
C ARG B 224 14.98 13.01 12.78
N GLN B 225 14.31 13.81 13.59
CA GLN B 225 13.34 13.31 14.54
C GLN B 225 12.09 12.79 13.84
N LEU B 226 11.69 13.43 12.71
CA LEU B 226 10.59 12.94 11.91
C LEU B 226 10.96 11.64 11.21
N THR B 227 12.21 11.53 10.71
CA THR B 227 12.73 10.32 10.07
C THR B 227 12.72 9.15 11.03
N LEU B 228 13.07 9.37 12.29
CA LEU B 228 13.06 8.31 13.30
C LEU B 228 11.67 7.79 13.61
N LEU B 229 10.70 8.72 13.78
CA LEU B 229 9.28 8.37 14.00
C LEU B 229 8.74 7.59 12.83
N GLU B 230 8.97 8.12 11.63
CA GLU B 230 8.47 7.56 10.38
C GLU B 230 9.12 6.23 10.03
N SER B 231 10.42 6.06 10.40
CA SER B 231 11.12 4.78 10.24
C SER B 231 10.52 3.73 11.18
N ASP B 232 10.31 4.08 12.45
CA ASP B 232 9.68 3.14 13.39
C ASP B 232 8.25 2.75 12.96
N LEU B 233 7.49 3.70 12.41
CA LEU B 233 6.10 3.45 11.98
C LEU B 233 6.13 2.48 10.80
N TYR B 234 6.99 2.75 9.84
CA TYR B 234 7.21 1.89 8.67
C TYR B 234 7.58 0.46 9.08
N ARG B 235 8.49 0.32 10.06
CA ARG B 235 9.03 -0.98 10.53
C ARG B 235 8.09 -1.83 11.35
N ALA B 236 7.03 -1.22 11.91
CA ALA B 236 6.04 -1.90 12.73
C ALA B 236 4.93 -2.53 11.90
N VAL B 237 4.83 -2.21 10.61
CA VAL B 237 3.76 -2.79 9.74
C VAL B 237 4.17 -4.22 9.37
N GLN B 238 3.29 -5.18 9.66
CA GLN B 238 3.54 -6.58 9.38
C GLN B 238 2.70 -7.06 8.18
N PRO B 239 3.09 -8.17 7.53
CA PRO B 239 2.29 -8.68 6.39
C PRO B 239 0.86 -9.09 6.74
N SER B 240 0.57 -9.44 7.98
CA SER B 240 -0.81 -9.74 8.44
C SER B 240 -1.78 -8.55 8.25
N GLU B 241 -1.22 -7.31 8.24
CA GLU B 241 -1.99 -6.09 8.03
C GLU B 241 -2.24 -5.79 6.52
N LEU B 242 -1.57 -6.53 5.60
CA LEU B 242 -1.57 -6.28 4.17
C LEU B 242 -2.14 -7.39 3.33
N VAL B 243 -1.89 -8.64 3.68
CA VAL B 243 -2.38 -9.75 2.88
C VAL B 243 -3.91 -9.81 2.98
N GLY B 244 -4.57 -10.03 1.85
CA GLY B 244 -6.02 -10.03 1.77
C GLY B 244 -6.63 -8.64 1.75
N SER B 245 -5.79 -7.59 1.47
CA SER B 245 -6.21 -6.19 1.37
C SER B 245 -7.04 -5.68 2.57
N VAL B 246 -6.72 -6.20 3.77
CA VAL B 246 -7.51 -5.99 4.98
C VAL B 246 -7.52 -4.55 5.52
N TRP B 247 -6.61 -3.68 5.07
CA TRP B 247 -6.57 -2.27 5.48
C TRP B 247 -7.67 -1.44 4.78
N THR B 248 -8.34 -2.03 3.75
CA THR B 248 -9.41 -1.39 2.97
C THR B 248 -10.80 -1.87 3.38
N LYS B 249 -10.86 -2.91 4.27
CA LYS B 249 -12.07 -3.60 4.67
C LYS B 249 -12.67 -2.99 5.91
N GLU B 250 -13.93 -3.38 6.24
CA GLU B 250 -14.68 -2.85 7.40
C GLU B 250 -13.92 -2.95 8.73
N ASP B 251 -13.12 -4.01 8.91
CA ASP B 251 -12.31 -4.25 10.12
C ASP B 251 -10.87 -3.79 10.02
N LYS B 252 -10.58 -2.82 9.15
CA LYS B 252 -9.24 -2.26 9.00
C LYS B 252 -8.62 -1.74 10.30
N GLU B 253 -9.42 -1.20 11.22
CA GLU B 253 -8.88 -0.69 12.50
C GLU B 253 -8.39 -1.80 13.39
N ILE B 254 -8.99 -3.01 13.29
CA ILE B 254 -8.58 -4.20 14.04
C ILE B 254 -7.37 -4.86 13.37
N ASN B 255 -7.42 -5.00 12.05
CA ASN B 255 -6.44 -5.78 11.31
C ASN B 255 -5.23 -5.04 10.83
N SER B 256 -5.30 -3.72 10.63
CA SER B 256 -4.19 -2.92 10.11
C SER B 256 -3.87 -1.71 10.97
N PRO B 257 -3.78 -1.87 12.31
CA PRO B 257 -3.57 -0.71 13.19
C PRO B 257 -2.26 0.03 13.02
N ASN B 258 -1.16 -0.70 12.83
CA ASN B 258 0.18 -0.07 12.65
C ASN B 258 0.28 0.63 11.31
N LEU B 259 -0.25 0.02 10.26
CA LEU B 259 -0.28 0.68 8.97
C LEU B 259 -1.06 2.00 9.04
N LEU B 260 -2.26 1.94 9.61
CA LEU B 260 -3.13 3.13 9.73
C LEU B 260 -2.49 4.25 10.54
N LYS B 261 -1.78 3.94 11.64
CA LYS B 261 -1.03 4.92 12.45
C LYS B 261 0.03 5.59 11.59
N MET B 262 0.69 4.80 10.77
CA MET B 262 1.73 5.29 9.86
C MET B 262 1.14 6.27 8.86
N ILE B 263 0.01 5.93 8.18
CA ILE B 263 -0.63 6.82 7.17
C ILE B 263 -1.16 8.09 7.81
N ARG B 264 -1.71 7.94 9.02
CA ARG B 264 -2.25 9.08 9.76
C ARG B 264 -1.17 10.02 10.22
N HIS B 265 0.03 9.51 10.56
CA HIS B 265 1.16 10.39 10.91
C HIS B 265 1.49 11.19 9.68
N THR B 266 1.65 10.50 8.56
CA THR B 266 1.95 11.14 7.28
C THR B 266 0.95 12.23 6.90
N THR B 267 -0.33 11.91 6.97
CA THR B 267 -1.41 12.84 6.64
C THR B 267 -1.35 14.03 7.55
N ASN B 268 -1.18 13.77 8.84
CA ASN B 268 -1.05 14.79 9.86
C ASN B 268 0.10 15.79 9.57
N LEU B 269 1.31 15.28 9.22
CA LEU B 269 2.45 16.16 8.91
C LEU B 269 2.19 17.04 7.69
N THR B 270 1.55 16.48 6.63
CA THR B 270 1.19 17.24 5.43
C THR B 270 0.28 18.38 5.80
N LEU B 271 -0.76 18.09 6.57
CA LEU B 271 -1.72 19.10 7.01
C LEU B 271 -1.04 20.16 7.91
N TRP B 272 -0.14 19.75 8.81
CA TRP B 272 0.63 20.68 9.61
C TRP B 272 1.47 21.64 8.75
N PHE B 273 2.11 21.16 7.69
CA PHE B 273 2.87 22.00 6.78
C PHE B 273 2.00 22.97 6.08
N GLU B 274 0.83 22.53 5.61
CA GLU B 274 -0.10 23.42 4.91
C GLU B 274 -0.64 24.51 5.84
N LYS B 275 -0.90 24.14 7.09
CA LYS B 275 -1.41 25.02 8.13
C LYS B 275 -0.37 26.09 8.43
N CYS B 276 0.87 25.67 8.65
CA CYS B 276 2.00 26.57 8.88
C CYS B 276 2.07 27.62 7.80
N ILE B 277 1.91 27.20 6.54
CA ILE B 277 2.02 28.11 5.41
C ILE B 277 0.88 29.10 5.38
N VAL B 278 -0.36 28.62 5.25
CA VAL B 278 -1.51 29.52 5.07
C VAL B 278 -1.86 30.37 6.34
N GLU B 279 -1.46 29.92 7.55
CA GLU B 279 -1.68 30.71 8.76
C GLU B 279 -0.61 31.78 8.96
N THR B 280 0.44 31.81 8.11
CA THR B 280 1.45 32.86 8.14
C THR B 280 0.95 33.83 7.08
N GLU B 281 0.23 34.88 7.51
CA GLU B 281 -0.41 35.83 6.61
C GLU B 281 0.57 36.81 5.96
N ASN B 282 1.63 37.21 6.70
CA ASN B 282 2.66 38.10 6.17
C ASN B 282 3.48 37.36 5.11
N LEU B 283 3.56 37.93 3.91
CA LEU B 283 4.30 37.32 2.79
C LEU B 283 5.76 36.99 3.11
N GLU B 284 6.56 37.96 3.58
CA GLU B 284 7.97 37.72 3.92
C GLU B 284 8.13 36.59 4.92
N GLU B 285 7.22 36.49 5.91
CA GLU B 285 7.26 35.41 6.89
C GLU B 285 6.82 34.08 6.28
N ARG B 286 5.86 34.10 5.36
CA ARG B 286 5.39 32.91 4.70
C ARG B 286 6.44 32.32 3.78
N VAL B 287 7.23 33.19 3.13
CA VAL B 287 8.36 32.81 2.27
C VAL B 287 9.41 32.09 3.16
N ALA B 288 9.70 32.65 4.34
CA ALA B 288 10.59 32.00 5.31
C ALA B 288 10.09 30.60 5.72
N VAL B 289 8.77 30.45 5.93
CA VAL B 289 8.11 29.18 6.31
C VAL B 289 8.30 28.15 5.21
N VAL B 290 7.95 28.51 3.97
CA VAL B 290 8.08 27.63 2.83
C VAL B 290 9.54 27.23 2.61
N SER B 291 10.43 28.21 2.67
CA SER B 291 11.88 28.00 2.54
C SER B 291 12.40 27.03 3.61
N ARG B 292 11.92 27.13 4.86
CA ARG B 292 12.32 26.19 5.90
C ARG B 292 11.81 24.74 5.65
N ILE B 293 10.60 24.61 5.05
CA ILE B 293 9.99 23.32 4.75
C ILE B 293 10.81 22.68 3.64
N ILE B 294 11.25 23.48 2.67
CA ILE B 294 12.13 22.99 1.60
C ILE B 294 13.48 22.53 2.18
N GLU B 295 13.98 23.18 3.25
CA GLU B 295 15.22 22.72 3.90
C GLU B 295 15.02 21.39 4.57
N ILE B 296 13.88 21.21 5.28
CA ILE B 296 13.51 19.96 5.92
C ILE B 296 13.43 18.84 4.85
N LEU B 297 12.79 19.14 3.70
CA LEU B 297 12.72 18.23 2.55
C LEU B 297 14.13 17.82 2.05
N GLN B 298 15.03 18.79 1.91
CA GLN B 298 16.43 18.57 1.51
C GLN B 298 17.13 17.60 2.47
N VAL B 299 16.91 17.73 3.78
CA VAL B 299 17.46 16.81 4.77
C VAL B 299 16.77 15.44 4.67
N PHE B 300 15.43 15.39 4.38
CA PHE B 300 14.73 14.11 4.19
C PHE B 300 15.37 13.39 2.99
N GLN B 301 15.65 14.12 1.87
CA GLN B 301 16.36 13.56 0.71
C GLN B 301 17.75 12.98 1.15
N GLU B 302 18.54 13.71 1.95
CA GLU B 302 19.84 13.22 2.44
C GLU B 302 19.71 11.88 3.23
N LEU B 303 18.64 11.76 4.03
CA LEU B 303 18.38 10.62 4.90
C LEU B 303 17.64 9.48 4.23
N ASN B 304 17.31 9.58 2.94
CA ASN B 304 16.50 8.59 2.23
C ASN B 304 15.10 8.39 2.87
N ASN B 305 14.50 9.48 3.39
CA ASN B 305 13.16 9.43 3.93
C ASN B 305 12.20 9.90 2.82
N PHE B 306 11.76 8.95 2.01
CA PHE B 306 10.88 9.25 0.89
C PHE B 306 9.48 9.51 1.36
N ASN B 307 9.11 9.01 2.54
CA ASN B 307 7.80 9.30 3.09
C ASN B 307 7.79 10.80 3.49
N GLY B 308 8.83 11.23 4.19
CA GLY B 308 9.07 12.62 4.54
C GLY B 308 9.08 13.54 3.34
N VAL B 309 9.77 13.14 2.27
CA VAL B 309 9.80 13.92 1.02
C VAL B 309 8.40 14.10 0.50
N LEU B 310 7.66 13.01 0.36
CA LEU B 310 6.33 13.09 -0.22
C LEU B 310 5.29 13.77 0.71
N GLU B 311 5.51 13.78 2.02
CA GLU B 311 4.68 14.55 2.96
C GLU B 311 4.75 16.02 2.56
N VAL B 312 5.98 16.50 2.23
CA VAL B 312 6.24 17.88 1.82
C VAL B 312 5.68 18.14 0.45
N VAL B 313 5.92 17.25 -0.52
CA VAL B 313 5.41 17.43 -1.89
C VAL B 313 3.90 17.49 -1.87
N SER B 314 3.25 16.60 -1.09
CA SER B 314 1.79 16.57 -0.94
C SER B 314 1.24 17.90 -0.41
N ALA B 315 1.92 18.52 0.57
CA ALA B 315 1.53 19.82 1.12
C ALA B 315 1.68 20.90 0.09
N MET B 316 2.75 20.87 -0.68
CA MET B 316 2.98 21.87 -1.73
C MET B 316 2.03 21.74 -2.89
N ASN B 317 1.53 20.52 -3.18
CA ASN B 317 0.58 20.27 -4.26
C ASN B 317 -0.87 20.40 -3.84
N SER B 318 -1.13 20.63 -2.55
CA SER B 318 -2.48 20.80 -2.03
C SER B 318 -3.10 22.07 -2.59
N SER B 319 -4.41 22.12 -2.63
CA SER B 319 -5.13 23.28 -3.17
C SER B 319 -4.80 24.60 -2.49
N PRO B 320 -4.74 24.67 -1.14
CA PRO B 320 -4.42 25.96 -0.49
C PRO B 320 -3.00 26.46 -0.73
N VAL B 321 -2.01 25.56 -0.93
CA VAL B 321 -0.61 25.96 -1.14
C VAL B 321 -0.25 26.16 -2.59
N TYR B 322 -0.63 25.23 -3.46
CA TYR B 322 -0.28 25.27 -4.89
C TYR B 322 -0.60 26.61 -5.62
N ARG B 323 -1.66 27.27 -5.18
CA ARG B 323 -2.11 28.53 -5.75
C ARG B 323 -1.35 29.81 -5.24
N LEU B 324 -0.47 29.67 -4.23
CA LEU B 324 0.27 30.78 -3.62
C LEU B 324 1.51 31.18 -4.45
N ASP B 325 1.26 31.74 -5.65
CA ASP B 325 2.24 32.20 -6.63
C ASP B 325 3.16 33.33 -6.14
N HIS B 326 2.64 34.27 -5.35
CA HIS B 326 3.47 35.37 -4.82
C HIS B 326 4.51 34.85 -3.84
N THR B 327 4.19 33.77 -3.14
CA THR B 327 5.09 33.15 -2.19
C THR B 327 6.16 32.40 -2.98
N PHE B 328 5.74 31.57 -3.95
CA PHE B 328 6.68 30.77 -4.74
C PHE B 328 7.71 31.64 -5.46
N GLU B 329 7.28 32.73 -6.07
CA GLU B 329 8.16 33.66 -6.79
C GLU B 329 9.31 34.19 -5.93
N GLN B 330 9.05 34.44 -4.63
CA GLN B 330 10.04 34.96 -3.68
C GLN B 330 10.98 33.89 -3.12
N ILE B 331 10.78 32.63 -3.46
CA ILE B 331 11.62 31.50 -2.99
C ILE B 331 12.96 31.53 -3.74
N PRO B 332 14.10 31.34 -3.05
CA PRO B 332 15.38 31.29 -3.77
C PRO B 332 15.39 30.24 -4.87
N SER B 333 15.91 30.58 -6.05
CA SER B 333 16.01 29.67 -7.21
C SER B 333 16.53 28.28 -6.91
N ARG B 334 17.49 28.14 -6.00
CA ARG B 334 18.03 26.83 -5.64
C ARG B 334 16.94 25.99 -4.94
N GLN B 335 16.12 26.62 -4.07
CA GLN B 335 15.02 25.94 -3.37
C GLN B 335 13.82 25.62 -4.28
N LYS B 336 13.57 26.43 -5.29
CA LYS B 336 12.56 26.13 -6.29
C LYS B 336 12.89 24.81 -7.01
N LYS B 337 14.18 24.66 -7.40
CA LYS B 337 14.69 23.51 -8.13
C LYS B 337 14.70 22.30 -7.25
N ILE B 338 14.99 22.46 -5.94
CA ILE B 338 14.95 21.34 -5.01
C ILE B 338 13.53 20.77 -4.98
N LEU B 339 12.54 21.66 -4.81
CA LEU B 339 11.16 21.28 -4.75
C LEU B 339 10.66 20.70 -6.05
N GLU B 340 11.01 21.32 -7.16
CA GLU B 340 10.58 20.83 -8.47
C GLU B 340 11.05 19.37 -8.74
N GLU B 341 12.30 19.06 -8.36
CA GLU B 341 12.84 17.71 -8.55
C GLU B 341 12.13 16.71 -7.66
N ALA B 342 11.77 17.13 -6.42
CA ALA B 342 11.01 16.30 -5.48
C ALA B 342 9.62 16.05 -6.04
N HIS B 343 8.96 17.10 -6.53
CA HIS B 343 7.65 17.00 -7.16
C HIS B 343 7.67 15.99 -8.32
N GLU B 344 8.71 16.03 -9.13
CA GLU B 344 8.90 15.16 -10.31
C GLU B 344 9.04 13.69 -10.00
N LEU B 345 9.35 13.32 -8.75
CA LEU B 345 9.45 11.93 -8.35
C LEU B 345 8.10 11.21 -8.43
N SER B 346 6.98 11.95 -8.27
CA SER B 346 5.61 11.45 -8.30
C SER B 346 5.03 11.39 -9.69
N GLU B 347 5.58 12.17 -10.61
CA GLU B 347 5.08 12.21 -11.98
C GLU B 347 5.24 10.88 -12.68
N ASP B 348 4.39 10.65 -13.68
CA ASP B 348 4.35 9.45 -14.48
C ASP B 348 4.28 8.19 -13.62
N HIS B 349 3.30 8.14 -12.73
CA HIS B 349 3.03 7.01 -11.84
C HIS B 349 4.28 6.63 -11.02
N TYR B 350 4.88 7.62 -10.35
CA TYR B 350 6.08 7.46 -9.52
C TYR B 350 7.30 6.86 -10.23
N LYS B 351 7.46 7.10 -11.55
CA LYS B 351 8.59 6.56 -12.34
C LYS B 351 9.97 6.86 -11.72
N LYS B 352 10.23 8.13 -11.43
CA LYS B 352 11.50 8.55 -10.85
C LYS B 352 11.65 8.13 -9.41
N TYR B 353 10.55 8.17 -8.62
CA TYR B 353 10.60 7.70 -7.23
C TYR B 353 11.06 6.26 -7.21
N LEU B 354 10.44 5.40 -8.03
CA LEU B 354 10.72 3.95 -8.13
C LEU B 354 12.17 3.64 -8.52
N ALA B 355 12.69 4.33 -9.56
CA ALA B 355 14.10 4.24 -9.97
C ALA B 355 15.05 4.62 -8.81
N LYS B 356 14.78 5.75 -8.15
CA LYS B 356 15.59 6.22 -7.04
C LYS B 356 15.55 5.29 -5.81
N LEU B 357 14.40 4.68 -5.50
CA LEU B 357 14.30 3.76 -4.38
C LEU B 357 15.16 2.53 -4.67
N ARG B 358 15.10 1.98 -5.89
CA ARG B 358 15.91 0.82 -6.29
C ARG B 358 17.43 1.07 -6.22
N SER B 359 17.88 2.30 -6.45
CA SER B 359 19.29 2.69 -6.49
C SER B 359 19.93 2.90 -5.13
N ILE B 360 19.12 3.19 -4.11
CA ILE B 360 19.69 3.48 -2.78
C ILE B 360 19.76 2.22 -1.95
N ASN B 361 20.54 2.29 -0.87
CA ASN B 361 20.60 1.22 0.10
C ASN B 361 20.14 1.75 1.44
N PRO B 362 19.66 0.82 2.28
CA PRO B 362 19.22 1.21 3.63
C PRO B 362 20.26 1.95 4.49
N PRO B 363 19.81 2.65 5.55
CA PRO B 363 18.40 2.82 5.96
C PRO B 363 17.65 3.78 5.04
N CYS B 364 16.37 3.49 4.82
CA CYS B 364 15.48 4.40 4.15
C CYS B 364 14.08 4.27 4.71
N VAL B 365 13.24 5.23 4.36
CA VAL B 365 11.84 5.18 4.73
C VAL B 365 11.06 5.28 3.44
N PRO B 366 10.68 4.12 2.87
CA PRO B 366 9.88 4.15 1.64
C PRO B 366 8.50 4.80 1.85
N PHE B 367 7.86 5.14 0.71
CA PHE B 367 6.48 5.61 0.67
C PHE B 367 5.61 4.35 0.51
N PHE B 368 4.74 4.09 1.47
CA PHE B 368 3.98 2.84 1.50
C PHE B 368 2.87 2.71 0.48
N GLY B 369 2.34 3.82 -0.01
CA GLY B 369 1.15 3.85 -0.86
C GLY B 369 1.22 3.04 -2.13
N ILE B 370 2.39 3.01 -2.76
CA ILE B 370 2.59 2.25 -3.99
C ILE B 370 2.37 0.78 -3.71
N TYR B 371 2.95 0.26 -2.62
CA TYR B 371 2.76 -1.14 -2.20
C TYR B 371 1.33 -1.49 -1.95
N LEU B 372 0.61 -0.59 -1.30
CA LEU B 372 -0.81 -0.78 -1.00
C LEU B 372 -1.63 -0.94 -2.26
N THR B 373 -1.43 -0.05 -3.23
CA THR B 373 -2.11 -0.14 -4.54
C THR B 373 -1.73 -1.40 -5.30
N ASN B 374 -0.46 -1.80 -5.26
CA ASN B 374 0.01 -3.00 -5.94
C ASN B 374 -0.54 -4.26 -5.34
N ILE B 375 -0.58 -4.34 -4.02
CA ILE B 375 -1.17 -5.50 -3.36
C ILE B 375 -2.67 -5.60 -3.66
N LEU B 376 -3.40 -4.50 -3.52
CA LEU B 376 -4.85 -4.50 -3.78
C LEU B 376 -5.18 -4.93 -5.19
N LYS B 377 -4.55 -4.31 -6.18
CA LYS B 377 -4.73 -4.63 -7.60
C LYS B 377 -4.31 -6.03 -7.98
N THR B 378 -3.30 -6.61 -7.31
CA THR B 378 -2.89 -7.98 -7.56
C THR B 378 -4.00 -8.85 -7.08
N GLU B 379 -4.55 -8.55 -5.92
CA GLU B 379 -5.62 -9.39 -5.38
C GLU B 379 -6.92 -9.28 -6.10
N GLU B 380 -7.25 -8.09 -6.61
CA GLU B 380 -8.52 -7.85 -7.28
C GLU B 380 -8.46 -8.16 -8.76
N GLY B 381 -7.29 -8.03 -9.36
CA GLY B 381 -7.14 -8.27 -10.77
C GLY B 381 -6.78 -9.66 -11.20
N ASN B 382 -6.78 -10.63 -10.26
CA ASN B 382 -6.40 -12.04 -10.54
C ASN B 382 -7.40 -12.95 -9.86
N PRO B 383 -7.79 -14.07 -10.49
CA PRO B 383 -8.79 -14.94 -9.85
C PRO B 383 -8.19 -15.78 -8.73
N GLU B 384 -9.02 -16.08 -7.73
CA GLU B 384 -8.63 -16.90 -6.60
C GLU B 384 -8.40 -18.37 -7.01
N VAL B 385 -9.09 -18.79 -8.09
CA VAL B 385 -9.09 -20.15 -8.58
C VAL B 385 -8.90 -20.16 -10.09
N LEU B 386 -8.23 -21.22 -10.57
CA LEU B 386 -8.09 -21.54 -11.98
C LEU B 386 -8.86 -22.85 -12.16
N LYS B 387 -9.43 -23.09 -13.35
CA LYS B 387 -10.15 -24.34 -13.59
C LYS B 387 -9.48 -25.07 -14.72
N ARG B 388 -9.26 -26.38 -14.53
CA ARG B 388 -8.60 -27.24 -15.51
C ARG B 388 -9.40 -28.53 -15.54
N HIS B 389 -9.95 -28.89 -16.71
CA HIS B 389 -10.78 -30.09 -16.87
C HIS B 389 -11.96 -30.14 -15.86
N GLY B 390 -12.56 -28.97 -15.59
CA GLY B 390 -13.66 -28.83 -14.65
C GLY B 390 -13.29 -28.80 -13.18
N LYS B 391 -11.99 -29.05 -12.83
CA LYS B 391 -11.51 -29.08 -11.46
C LYS B 391 -10.95 -27.71 -11.05
N GLU B 392 -11.30 -27.25 -9.84
CA GLU B 392 -10.82 -25.97 -9.31
C GLU B 392 -9.47 -26.13 -8.68
N LEU B 393 -8.51 -25.28 -9.10
CA LEU B 393 -7.15 -25.23 -8.57
C LEU B 393 -6.96 -23.85 -7.91
N ILE B 394 -6.37 -23.81 -6.71
CA ILE B 394 -6.08 -22.57 -6.03
C ILE B 394 -5.02 -21.88 -6.87
N ASN B 395 -5.25 -20.62 -7.25
CA ASN B 395 -4.29 -19.83 -8.01
C ASN B 395 -3.19 -19.36 -7.05
N PHE B 396 -2.09 -20.10 -7.02
CA PHE B 396 -0.97 -19.80 -6.14
C PHE B 396 -0.09 -18.65 -6.64
N SER B 397 0.01 -18.47 -7.94
CA SER B 397 0.83 -17.39 -8.50
C SER B 397 0.42 -15.99 -8.09
N LYS B 398 -0.87 -15.78 -7.93
CA LYS B 398 -1.46 -14.56 -7.43
C LYS B 398 -0.88 -14.30 -6.03
N ARG B 399 -0.80 -15.34 -5.19
CA ARG B 399 -0.27 -15.27 -3.84
C ARG B 399 1.24 -15.01 -3.80
N ARG B 400 2.00 -15.67 -4.67
CA ARG B 400 3.42 -15.42 -4.84
C ARG B 400 3.65 -13.95 -5.16
N LYS B 401 2.86 -13.37 -6.07
CA LYS B 401 3.00 -11.96 -6.42
C LYS B 401 2.79 -11.01 -5.25
N VAL B 402 1.86 -11.33 -4.35
CA VAL B 402 1.60 -10.54 -3.16
C VAL B 402 2.75 -10.71 -2.15
N ALA B 403 3.25 -11.94 -1.98
CA ALA B 403 4.37 -12.24 -1.08
C ALA B 403 5.69 -11.58 -1.57
N GLU B 404 5.83 -11.37 -2.89
CA GLU B 404 6.97 -10.66 -3.45
C GLU B 404 6.93 -9.17 -3.03
N ILE B 405 5.72 -8.56 -3.02
CA ILE B 405 5.55 -7.16 -2.59
C ILE B 405 5.83 -7.04 -1.08
N THR B 406 5.31 -7.96 -0.26
CA THR B 406 5.53 -7.91 1.19
C THR B 406 7.01 -8.18 1.55
N GLY B 407 7.68 -8.99 0.75
CA GLY B 407 9.10 -9.25 0.91
C GLY B 407 9.90 -7.98 0.65
N GLU B 408 9.56 -7.22 -0.41
CA GLU B 408 10.18 -5.93 -0.69
C GLU B 408 9.96 -4.93 0.48
N ILE B 409 8.76 -4.89 1.07
CA ILE B 409 8.51 -4.02 2.23
C ILE B 409 9.46 -4.39 3.33
N GLN B 410 9.59 -5.70 3.60
CA GLN B 410 10.42 -6.22 4.69
C GLN B 410 11.91 -5.99 4.54
N GLN B 411 12.41 -5.93 3.32
CA GLN B 411 13.84 -5.73 3.10
C GLN B 411 14.33 -4.36 3.56
N TYR B 412 13.41 -3.35 3.58
CA TYR B 412 13.71 -2.01 4.07
C TYR B 412 13.39 -1.82 5.55
N GLN B 413 12.90 -2.85 6.26
CA GLN B 413 12.57 -2.76 7.69
C GLN B 413 13.67 -3.27 8.64
N ASN B 414 14.74 -3.79 8.10
CA ASN B 414 15.76 -4.43 8.91
C ASN B 414 16.77 -3.45 9.45
N GLN B 415 17.19 -2.49 8.61
CA GLN B 415 18.20 -1.51 8.95
C GLN B 415 17.67 -0.22 9.66
N PRO B 416 18.13 0.06 10.90
CA PRO B 416 17.78 1.34 11.53
C PRO B 416 18.78 2.45 11.21
N TYR B 417 18.43 3.68 11.61
CA TYR B 417 19.24 4.88 11.40
C TYR B 417 20.22 5.14 12.55
N CYS B 418 21.39 5.69 12.22
CA CYS B 418 22.33 6.07 13.27
C CYS B 418 22.06 7.53 13.63
N LEU B 419 20.96 7.74 14.37
CA LEU B 419 20.50 9.06 14.79
C LEU B 419 20.00 8.95 16.20
N ARG B 420 20.40 9.89 17.06
CA ARG B 420 19.98 9.93 18.44
C ARG B 420 18.56 10.49 18.55
N VAL B 421 17.74 9.88 19.40
CA VAL B 421 16.37 10.34 19.67
C VAL B 421 16.41 11.51 20.64
N GLU B 422 15.62 12.56 20.38
CA GLU B 422 15.45 13.69 21.29
C GLU B 422 13.98 13.55 21.72
N SER B 423 13.79 13.07 22.94
CA SER B 423 12.50 12.75 23.53
C SER B 423 11.48 13.87 23.53
N ASP B 424 11.92 15.15 23.60
CA ASP B 424 10.98 16.28 23.58
C ASP B 424 10.55 16.63 22.16
N ILE B 425 11.47 16.62 21.19
CA ILE B 425 11.15 16.91 19.79
C ILE B 425 10.28 15.76 19.29
N LYS B 426 10.63 14.52 19.62
CA LYS B 426 9.86 13.34 19.24
C LYS B 426 8.42 13.45 19.73
N ARG B 427 8.24 13.80 21.00
CA ARG B 427 6.92 13.95 21.62
C ARG B 427 6.10 15.11 21.00
N PHE B 428 6.79 16.16 20.53
CA PHE B 428 6.16 17.30 19.90
C PHE B 428 5.53 16.86 18.57
N PHE B 429 6.29 16.15 17.74
CA PHE B 429 5.79 15.62 16.49
C PHE B 429 4.77 14.50 16.68
N GLU B 430 4.91 13.67 17.70
CA GLU B 430 3.91 12.63 17.98
C GLU B 430 2.55 13.23 18.33
N ASN B 431 2.55 14.34 19.09
CA ASN B 431 1.33 15.00 19.56
C ASN B 431 0.82 16.13 18.67
N LEU B 432 1.43 16.37 17.48
CA LEU B 432 0.92 17.38 16.54
C LEU B 432 -0.53 17.03 16.21
N ASN B 433 -1.38 18.05 16.13
CA ASN B 433 -2.79 17.85 15.82
C ASN B 433 -3.29 19.11 15.13
N PRO B 434 -2.88 19.33 13.85
CA PRO B 434 -3.30 20.55 13.15
C PRO B 434 -4.80 20.73 12.97
N MET B 435 -5.55 19.63 12.80
CA MET B 435 -7.00 19.65 12.63
C MET B 435 -7.74 20.00 13.92
N GLY B 436 -7.15 19.70 15.07
CA GLY B 436 -7.82 19.91 16.35
C GLY B 436 -9.07 19.04 16.45
N ASN B 437 -10.20 19.63 16.87
CA ASN B 437 -11.50 18.93 16.94
C ASN B 437 -12.32 19.00 15.63
N SER B 438 -11.85 19.70 14.60
CA SER B 438 -12.56 19.84 13.32
C SER B 438 -12.57 18.58 12.47
N MET B 439 -13.62 18.44 11.66
CA MET B 439 -13.70 17.33 10.73
C MET B 439 -12.89 17.69 9.50
N GLU B 440 -12.64 16.69 8.64
CA GLU B 440 -11.80 16.83 7.46
C GLU B 440 -12.22 18.01 6.58
N LYS B 441 -13.48 18.06 6.14
CA LYS B 441 -13.98 19.10 5.23
C LYS B 441 -13.88 20.53 5.80
N GLU B 442 -14.35 20.68 7.01
CA GLU B 442 -14.33 21.92 7.80
C GLU B 442 -12.89 22.49 7.86
N PHE B 443 -11.89 21.65 8.18
CA PHE B 443 -10.48 22.05 8.27
C PHE B 443 -9.87 22.37 6.91
N THR B 444 -10.18 21.52 5.96
CA THR B 444 -9.76 21.64 4.55
C THR B 444 -10.29 22.93 3.93
N ASP B 445 -11.56 23.28 4.19
CA ASP B 445 -12.19 24.53 3.74
C ASP B 445 -11.57 25.72 4.43
N TYR B 446 -11.23 25.60 5.70
CA TYR B 446 -10.59 26.67 6.48
C TYR B 446 -9.18 26.97 5.90
N LEU B 447 -8.44 25.92 5.53
CA LEU B 447 -7.13 26.09 4.90
C LEU B 447 -7.26 26.78 3.57
N PHE B 448 -8.24 26.38 2.76
CA PHE B 448 -8.46 27.00 1.46
C PHE B 448 -8.92 28.47 1.60
N ASN B 449 -9.83 28.77 2.55
CA ASN B 449 -10.29 30.14 2.77
C ASN B 449 -9.13 31.02 3.29
N LYS B 450 -8.23 30.45 4.10
CA LYS B 450 -7.05 31.19 4.53
C LYS B 450 -6.17 31.50 3.32
N SER B 451 -6.03 30.55 2.38
CA SER B 451 -5.25 30.74 1.15
C SER B 451 -5.79 31.93 0.32
N LEU B 452 -7.11 31.93 0.11
CA LEU B 452 -7.83 33.00 -0.60
C LEU B 452 -7.68 34.35 0.06
N GLU B 453 -7.67 34.38 1.39
CA GLU B 453 -7.50 35.61 2.14
C GLU B 453 -6.10 36.17 1.98
N ILE B 454 -5.08 35.36 2.19
CA ILE B 454 -3.67 35.83 2.15
C ILE B 454 -3.19 36.17 0.73
N GLU B 455 -3.71 35.47 -0.31
CA GLU B 455 -3.40 35.76 -1.72
C GLU B 455 -4.67 35.62 -2.51
N PRO B 456 -5.51 36.67 -2.55
CA PRO B 456 -6.77 36.61 -3.31
C PRO B 456 -6.67 36.25 -4.80
N ARG B 457 -7.78 35.77 -5.39
CA ARG B 457 -7.83 35.44 -6.82
C ARG B 457 -7.68 36.73 -7.65
N ASN B 458 -6.94 36.67 -8.76
CA ASN B 458 -6.82 37.81 -9.67
C ASN B 458 -8.24 38.21 -10.17
N PRO B 459 -8.52 39.52 -10.39
CA PRO B 459 -7.61 40.67 -10.33
C PRO B 459 -7.54 41.36 -8.95
N LYS B 460 -8.06 40.73 -7.86
CA LYS B 460 -8.01 41.35 -6.52
C LYS B 460 -6.55 41.59 -6.15
N PRO B 461 -6.12 42.84 -5.78
CA PRO B 461 -4.70 43.05 -5.44
C PRO B 461 -4.29 42.36 -4.15
N LEU B 462 -2.97 42.23 -3.99
CA LEU B 462 -2.44 41.54 -2.85
C LEU B 462 -2.47 42.43 -1.62
N PRO B 463 -3.19 42.06 -0.54
CA PRO B 463 -3.13 42.89 0.68
C PRO B 463 -1.78 42.71 1.38
N ARG B 464 -1.62 43.34 2.54
CA ARG B 464 -0.45 43.20 3.38
C ARG B 464 -0.95 42.75 4.72
N PHE B 465 -0.14 42.07 5.49
CA PHE B 465 -0.57 41.54 6.78
C PHE B 465 0.53 41.74 7.74
N PRO B 466 0.20 41.96 9.02
CA PRO B 466 1.25 42.18 10.02
C PRO B 466 2.04 40.92 10.33
N LYS B 467 3.29 41.11 10.77
CA LYS B 467 4.14 40.02 11.18
C LYS B 467 3.64 39.38 12.48
N LYS B 468 3.76 38.02 12.57
CA LYS B 468 3.39 37.23 13.74
C LYS B 468 4.60 36.65 14.52
N TYR B 469 5.83 36.69 13.95
CA TYR B 469 6.99 36.11 14.63
C TYR B 469 7.88 37.18 15.26
N SER B 470 8.19 36.99 16.55
CA SER B 470 8.99 37.90 17.37
C SER B 470 10.44 37.43 17.50
N TYR B 471 10.86 36.40 16.71
CA TYR B 471 12.22 35.89 16.69
C TYR B 471 12.75 36.02 15.26
N PRO B 472 14.07 35.92 15.03
CA PRO B 472 14.59 36.07 13.64
C PRO B 472 14.19 34.91 12.74
N LEU B 473 13.85 35.23 11.48
CA LEU B 473 13.38 34.30 10.46
C LEU B 473 14.51 33.63 9.68
N LYS B 474 15.75 34.10 9.84
CA LYS B 474 16.90 33.56 9.11
C LYS B 474 17.16 32.10 9.51
N SER B 475 17.43 31.25 8.53
CA SER B 475 17.69 29.84 8.79
C SER B 475 19.13 29.59 9.18
N PRO B 476 19.36 28.62 10.08
CA PRO B 476 20.74 28.20 10.35
C PRO B 476 21.33 27.28 9.27
N GLY B 477 20.55 26.97 8.22
CA GLY B 477 20.97 26.09 7.14
C GLY B 477 20.87 24.62 7.48
N VAL B 478 21.19 23.77 6.51
CA VAL B 478 21.09 22.30 6.60
C VAL B 478 22.41 21.57 6.76
N ARG B 479 23.50 22.30 6.99
CA ARG B 479 24.83 21.69 7.17
C ARG B 479 25.05 21.70 8.69
N PRO B 480 25.49 20.60 9.33
CA PRO B 480 25.70 20.62 10.80
C PRO B 480 26.64 21.70 11.34
N SER B 481 26.38 22.14 12.57
CA SER B 481 27.09 23.23 13.23
C SER B 481 28.45 22.83 13.82
N ASN B 482 28.63 21.54 14.18
CA ASN B 482 29.87 21.03 14.75
C ASN B 482 30.36 19.78 13.99
N PRO B 483 31.68 19.46 14.05
CA PRO B 483 32.17 18.26 13.34
C PRO B 483 31.82 16.93 14.03
C FK1 C . 5.64 21.88 -7.69
N FK1 C . 8.23 23.64 -9.66
BR FK1 C . 5.17 21.34 -5.92
C1 FK1 C . 4.79 21.57 -8.75
C2 FK1 C . 5.13 21.95 -10.03
C3 FK1 C . 6.31 22.65 -10.27
C4 FK1 C . 6.95 23.20 -11.43
C5 FK1 C . 8.10 23.78 -11.02
C6 FK1 C . 7.15 22.94 -9.18
C7 FK1 C . 6.84 22.55 -7.88
C HXY D . 4.19 27.10 -3.41
N HXY D . 3.73 26.15 -8.32
BR HXY D . 4.65 27.85 -1.72
C1 HXY D . 3.34 27.78 -4.24
C2 HXY D . 3.04 27.26 -5.48
C3 HXY D . 3.51 26.00 -5.86
C4 HXY D . 3.15 25.42 -7.20
C5 HXY D . 5.19 25.96 -8.43
C6 HXY D . 5.50 26.39 -9.84
C7 HXY D . 4.25 26.16 -10.62
C8 HXY D . 3.21 25.69 -9.62
C9 HXY D . 4.32 25.32 -4.98
C10 HXY D . 4.70 25.86 -3.77
C FMT E . -4.72 12.31 10.43
O1 FMT E . -4.69 13.52 10.54
O2 FMT E . -5.65 11.89 9.52
#